data_5C3O
#
_entry.id   5C3O
#
_cell.length_a   119.148
_cell.length_b   119.148
_cell.length_c   56.631
_cell.angle_alpha   90.000
_cell.angle_beta   90.000
_cell.angle_gamma   120.000
#
_symmetry.space_group_name_H-M   'P 63'
#
loop_
_entity.id
_entity.type
_entity.pdbx_description
1 polymer 'Thymine dioxygenase'
2 non-polymer 1,2-ETHANEDIOL
3 non-polymer 'CALCIUM ION'
4 water water
#
_entity_poly.entity_id   1
_entity_poly.type   'polypeptide(L)'
_entity_poly.pdbx_seq_one_letter_code
;GS(MSE)EKAAVNEDGLVIPLIDFSKFLEGDETLKLETAKAILHGFQTAGFIYLKNIPIQPDFREHVFNTSAKFFKLPKE
KKLEVGWTTPEANRGYSAPGREKVTQLTDPAEIEKIRSAAPDIKESYEIGREDEPGHPNPWPAEQDDLVGFKST(MSE)N
NFFDQCKALHIEV(MSE)RAIAVG(MSE)GIDANYFDSFVDVGDNILRLLHYPAVKSEVFKINPGQVRAGEHTDYGSITL
LFQDSRGGLQVKSPNGQFIDATPIENTVVVNAGDLLARWSNDTIKSTVHRVVEPPKQEDVHPPRYSIAYFCNPNHKSLEH
HHHHH
;
_entity_poly.pdbx_strand_id   A
#
# COMPACT_ATOMS: atom_id res chain seq x y z
N GLY A 1 20.18 2.90 -8.42
CA GLY A 1 19.32 3.57 -9.45
C GLY A 1 19.26 2.83 -10.78
N SER A 2 18.27 3.18 -11.59
CA SER A 2 18.07 2.56 -12.90
C SER A 2 17.74 3.64 -13.96
N GLU A 4 15.00 4.92 -15.29
CA GLU A 4 13.82 5.78 -15.23
C GLU A 4 14.08 7.09 -14.49
N LYS A 5 13.27 8.10 -14.81
CA LYS A 5 13.36 9.41 -14.15
C LYS A 5 12.69 9.32 -12.78
N ALA A 6 13.31 9.96 -11.77
CA ALA A 6 12.78 9.93 -10.41
C ALA A 6 11.30 10.34 -10.35
N ALA A 7 10.55 9.72 -9.46
CA ALA A 7 9.14 10.08 -9.26
C ALA A 7 9.04 11.36 -8.45
N VAL A 8 9.90 11.47 -7.44
CA VAL A 8 10.05 12.69 -6.66
C VAL A 8 11.52 13.04 -6.59
N ASN A 9 11.84 14.30 -6.84
CA ASN A 9 13.20 14.81 -6.70
C ASN A 9 13.14 16.26 -6.22
N GLU A 10 13.32 16.45 -4.92
CA GLU A 10 13.11 17.77 -4.31
C GLU A 10 13.68 17.81 -2.89
N ASP A 11 14.47 18.85 -2.60
CA ASP A 11 15.01 19.11 -1.26
C ASP A 11 15.87 17.95 -0.75
N GLY A 12 16.60 17.31 -1.67
CA GLY A 12 17.43 16.14 -1.33
C GLY A 12 16.67 14.83 -1.19
N LEU A 13 15.35 14.85 -1.40
CA LEU A 13 14.53 13.64 -1.33
C LEU A 13 14.38 13.10 -2.75
N VAL A 14 14.91 11.89 -2.97
CA VAL A 14 14.83 11.25 -4.28
C VAL A 14 14.09 9.91 -4.13
N ILE A 15 12.86 9.86 -4.64
CA ILE A 15 12.09 8.62 -4.67
C ILE A 15 12.09 8.10 -6.09
N PRO A 16 12.74 6.94 -6.32
CA PRO A 16 12.87 6.43 -7.68
C PRO A 16 11.60 5.79 -8.22
N LEU A 17 11.53 5.71 -9.54
CA LEU A 17 10.45 5.01 -10.24
C LEU A 17 11.08 3.82 -10.92
N ILE A 18 10.58 2.61 -10.62
CA ILE A 18 11.23 1.39 -11.05
C ILE A 18 10.23 0.50 -11.80
N ASP A 19 10.66 0.00 -12.96
CA ASP A 19 9.85 -0.91 -13.77
C ASP A 19 9.98 -2.30 -13.15
N PHE A 20 8.92 -2.74 -12.46
CA PHE A 20 9.00 -3.97 -11.69
C PHE A 20 9.01 -5.21 -12.58
N SER A 21 8.53 -5.09 -13.82
CA SER A 21 8.56 -6.21 -14.75
C SER A 21 10.00 -6.66 -15.08
N LYS A 22 10.95 -5.75 -14.95
CA LYS A 22 12.36 -6.08 -15.17
C LYS A 22 12.93 -6.98 -14.08
N PHE A 23 12.35 -6.92 -12.88
CA PHE A 23 12.72 -7.84 -11.82
C PHE A 23 12.04 -9.20 -12.04
N LEU A 24 10.76 -9.18 -12.39
CA LEU A 24 10.01 -10.42 -12.56
C LEU A 24 10.34 -11.19 -13.84
N GLU A 25 10.70 -10.49 -14.91
CA GLU A 25 10.87 -11.11 -16.24
C GLU A 25 12.27 -11.04 -16.85
N GLY A 26 13.10 -10.11 -16.38
CA GLY A 26 14.43 -9.92 -16.95
C GLY A 26 15.40 -11.03 -16.61
N ASP A 27 16.50 -11.12 -17.37
CA ASP A 27 17.57 -12.09 -17.09
C ASP A 27 18.30 -11.74 -15.80
N GLU A 28 19.19 -12.63 -15.36
CA GLU A 28 19.83 -12.51 -14.05
C GLU A 28 20.51 -11.16 -13.83
N THR A 29 21.11 -10.61 -14.90
CA THR A 29 21.79 -9.33 -14.84
C THR A 29 20.81 -8.18 -14.67
N LEU A 30 19.72 -8.20 -15.43
CA LEU A 30 18.71 -7.15 -15.36
C LEU A 30 17.94 -7.23 -14.04
N LYS A 31 17.63 -8.46 -13.62
CA LYS A 31 16.96 -8.74 -12.36
C LYS A 31 17.73 -8.15 -11.18
N LEU A 32 19.04 -8.41 -11.14
CA LEU A 32 19.90 -7.93 -10.06
C LEU A 32 19.99 -6.42 -10.08
N GLU A 33 20.08 -5.85 -11.28
CA GLU A 33 20.17 -4.41 -11.44
C GLU A 33 18.93 -3.72 -10.85
N THR A 34 17.76 -4.26 -11.16
CA THR A 34 16.49 -3.72 -10.68
C THR A 34 16.33 -3.93 -9.16
N ALA A 35 16.69 -5.12 -8.68
CA ALA A 35 16.63 -5.41 -7.25
C ALA A 35 17.49 -4.44 -6.44
N LYS A 36 18.70 -4.18 -6.92
CA LYS A 36 19.60 -3.25 -6.23
C LYS A 36 19.06 -1.83 -6.25
N ALA A 37 18.41 -1.45 -7.36
CA ALA A 37 17.77 -0.14 -7.45
C ALA A 37 16.64 -0.03 -6.43
N ILE A 38 15.90 -1.13 -6.25
CA ILE A 38 14.80 -1.19 -5.28
C ILE A 38 15.34 -1.06 -3.85
N LEU A 39 16.39 -1.81 -3.56
CA LEU A 39 17.03 -1.74 -2.25
C LEU A 39 17.60 -0.34 -1.97
N HIS A 40 18.27 0.22 -2.98
CA HIS A 40 18.87 1.55 -2.87
C HIS A 40 17.84 2.59 -2.45
N GLY A 41 16.67 2.51 -3.07
CA GLY A 41 15.55 3.39 -2.74
C GLY A 41 15.11 3.26 -1.30
N PHE A 42 14.98 2.03 -0.81
CA PHE A 42 14.62 1.79 0.58
C PHE A 42 15.71 2.19 1.57
N GLN A 43 16.98 2.13 1.13
CA GLN A 43 18.10 2.53 1.98
C GLN A 43 18.27 4.05 2.11
N THR A 44 17.84 4.79 1.09
CA THR A 44 18.04 6.24 1.07
C THR A 44 16.75 6.98 1.42
N ALA A 45 15.72 6.85 0.59
CA ALA A 45 14.44 7.54 0.81
C ALA A 45 13.46 6.76 1.70
N GLY A 46 13.56 5.43 1.70
CA GLY A 46 12.59 4.57 2.40
C GLY A 46 11.30 4.39 1.62
N PHE A 47 11.23 5.01 0.44
CA PHE A 47 10.05 5.02 -0.42
C PHE A 47 10.49 4.78 -1.85
N ILE A 48 9.70 4.03 -2.60
CA ILE A 48 9.88 3.89 -4.05
C ILE A 48 8.50 3.90 -4.73
N TYR A 49 8.50 4.19 -6.02
CA TYR A 49 7.32 3.97 -6.86
C TYR A 49 7.64 2.79 -7.76
N LEU A 50 6.67 1.89 -7.94
CA LEU A 50 6.78 0.83 -8.93
C LEU A 50 5.78 1.01 -10.06
N LYS A 51 6.20 0.72 -11.29
CA LYS A 51 5.31 0.64 -12.45
C LYS A 51 5.42 -0.73 -13.10
N ASN A 52 4.49 -1.02 -14.00
CA ASN A 52 4.41 -2.30 -14.68
C ASN A 52 4.41 -3.46 -13.70
N ILE A 53 3.58 -3.34 -12.66
CA ILE A 53 3.37 -4.42 -11.70
C ILE A 53 2.37 -5.41 -12.31
N PRO A 54 2.33 -6.65 -11.79
CA PRO A 54 1.41 -7.66 -12.33
C PRO A 54 -0.08 -7.33 -12.14
N ILE A 55 -0.41 -6.46 -11.19
CA ILE A 55 -1.79 -6.02 -11.01
C ILE A 55 -2.19 -5.09 -12.16
N GLN A 56 -3.08 -5.55 -13.02
CA GLN A 56 -3.41 -4.79 -14.23
C GLN A 56 -4.27 -3.55 -13.97
N PRO A 57 -4.02 -2.47 -14.75
CA PRO A 57 -4.75 -1.20 -14.62
C PRO A 57 -6.27 -1.33 -14.64
N ASP A 58 -6.81 -2.21 -15.49
CA ASP A 58 -8.25 -2.39 -15.57
C ASP A 58 -8.81 -3.05 -14.30
N PHE A 59 -8.03 -3.94 -13.68
CA PHE A 59 -8.45 -4.54 -12.43
C PHE A 59 -8.42 -3.52 -11.29
N ARG A 60 -7.35 -2.74 -11.22
CA ARG A 60 -7.25 -1.66 -10.25
C ARG A 60 -8.48 -0.75 -10.33
N GLU A 61 -8.82 -0.34 -11.54
CA GLU A 61 -9.95 0.57 -11.75
C GLU A 61 -11.26 -0.05 -11.30
N HIS A 62 -11.46 -1.32 -11.64
CA HIS A 62 -12.64 -2.07 -11.19
C HIS A 62 -12.71 -2.12 -9.66
N VAL A 63 -11.58 -2.39 -9.02
CA VAL A 63 -11.48 -2.45 -7.56
C VAL A 63 -11.81 -1.09 -6.93
N PHE A 64 -11.34 -0.01 -7.52
CA PHE A 64 -11.72 1.33 -7.05
C PHE A 64 -13.21 1.60 -7.22
N ASN A 65 -13.79 1.16 -8.35
CA ASN A 65 -15.23 1.27 -8.54
C ASN A 65 -16.01 0.45 -7.52
N THR A 66 -15.52 -0.74 -7.23
CA THR A 66 -16.15 -1.62 -6.25
C THR A 66 -16.11 -0.99 -4.86
N SER A 67 -14.99 -0.35 -4.52
CA SER A 67 -14.86 0.37 -3.26
C SER A 67 -15.88 1.52 -3.16
N ALA A 68 -16.01 2.28 -4.26
CA ALA A 68 -17.01 3.36 -4.34
C ALA A 68 -18.43 2.87 -4.06
N LYS A 69 -18.79 1.73 -4.63
CA LYS A 69 -20.12 1.15 -4.42
C LYS A 69 -20.34 0.78 -2.96
N PHE A 70 -19.30 0.19 -2.34
CA PHE A 70 -19.40 -0.16 -0.93
C PHE A 70 -19.68 1.08 -0.09
N PHE A 71 -18.92 2.15 -0.31
CA PHE A 71 -19.05 3.34 0.54
C PHE A 71 -20.35 4.11 0.30
N LYS A 72 -21.00 3.89 -0.85
CA LYS A 72 -22.33 4.46 -1.13
C LYS A 72 -23.47 3.73 -0.44
N LEU A 73 -23.22 2.55 0.10
CA LEU A 73 -24.20 1.85 0.94
C LEU A 73 -24.76 2.79 2.01
N PRO A 74 -26.03 2.59 2.41
CA PRO A 74 -26.53 3.34 3.57
C PRO A 74 -25.71 3.03 4.82
N LYS A 75 -25.64 4.00 5.73
CA LYS A 75 -24.78 3.92 6.92
C LYS A 75 -24.96 2.61 7.70
N GLU A 76 -26.20 2.19 7.91
CA GLU A 76 -26.45 1.01 8.75
C GLU A 76 -25.97 -0.28 8.11
N LYS A 77 -25.95 -0.36 6.78
CA LYS A 77 -25.41 -1.53 6.11
C LYS A 77 -23.91 -1.64 6.33
N LYS A 78 -23.24 -0.51 6.42
CA LYS A 78 -21.81 -0.47 6.69
C LYS A 78 -21.50 -0.76 8.17
N LEU A 79 -22.29 -0.19 9.08
CA LEU A 79 -22.13 -0.49 10.52
C LEU A 79 -22.37 -1.95 10.83
N GLU A 80 -23.21 -2.61 10.02
CA GLU A 80 -23.46 -4.05 10.16
C GLU A 80 -22.23 -4.91 9.85
N VAL A 81 -21.24 -4.34 9.17
CA VAL A 81 -19.94 -5.00 9.00
C VAL A 81 -18.86 -4.21 9.74
N GLY A 82 -19.23 -3.67 10.90
CA GLY A 82 -18.36 -2.78 11.64
C GLY A 82 -17.12 -3.46 12.19
N TRP A 83 -16.03 -2.68 12.26
CA TRP A 83 -14.82 -3.05 13.00
C TRP A 83 -15.18 -3.69 14.34
N THR A 84 -14.48 -4.76 14.72
CA THR A 84 -14.64 -5.34 16.05
C THR A 84 -13.38 -5.12 16.91
N THR A 85 -12.46 -6.09 16.88
CA THR A 85 -11.33 -6.17 17.82
C THR A 85 -10.08 -5.52 17.24
N PRO A 86 -9.16 -5.03 18.10
CA PRO A 86 -7.83 -4.61 17.59
C PRO A 86 -7.02 -5.77 17.01
N GLU A 87 -7.07 -6.93 17.66
CA GLU A 87 -6.47 -8.14 17.13
C GLU A 87 -7.09 -8.59 15.80
N ALA A 88 -8.36 -8.25 15.60
CA ALA A 88 -9.07 -8.56 14.36
C ALA A 88 -8.61 -7.65 13.23
N ASN A 89 -8.76 -6.34 13.43
CA ASN A 89 -8.39 -5.33 12.46
C ASN A 89 -9.15 -5.50 11.14
N ARG A 90 -10.46 -5.68 11.27
CA ARG A 90 -11.32 -6.06 10.16
C ARG A 90 -12.70 -5.44 10.26
N GLY A 91 -13.13 -4.81 9.18
CA GLY A 91 -14.47 -4.26 9.09
C GLY A 91 -14.48 -2.77 8.85
N TYR A 92 -15.68 -2.20 8.98
CA TYR A 92 -15.92 -0.81 8.64
C TYR A 92 -15.63 0.10 9.82
N SER A 93 -15.00 1.24 9.55
CA SER A 93 -14.79 2.28 10.55
C SER A 93 -15.41 3.57 10.05
N ALA A 94 -16.36 4.10 10.82
CA ALA A 94 -17.05 5.33 10.48
C ALA A 94 -16.18 6.51 10.88
N PRO A 95 -16.50 7.72 10.39
CA PRO A 95 -15.76 8.90 10.82
C PRO A 95 -15.83 9.10 12.34
N GLY A 96 -14.66 9.22 12.98
CA GLY A 96 -14.57 9.31 14.43
C GLY A 96 -13.76 8.17 15.02
N ILE A 119 -15.19 12.98 8.83
CA ILE A 119 -14.10 13.40 7.94
C ILE A 119 -13.73 12.31 6.92
N LYS A 120 -13.68 11.05 7.35
CA LYS A 120 -13.35 9.93 6.45
C LYS A 120 -13.71 8.56 7.01
N GLU A 121 -13.94 7.61 6.11
CA GLU A 121 -14.36 6.25 6.48
C GLU A 121 -13.46 5.20 5.83
N SER A 122 -13.46 4.00 6.40
CA SER A 122 -12.58 2.93 5.93
C SER A 122 -13.23 1.56 6.04
N TYR A 123 -12.71 0.62 5.26
CA TYR A 123 -13.10 -0.78 5.36
C TYR A 123 -11.86 -1.66 5.23
N GLU A 124 -11.68 -2.56 6.20
CA GLU A 124 -10.47 -3.36 6.27
C GLU A 124 -10.76 -4.84 6.15
N ILE A 125 -9.96 -5.49 5.30
CA ILE A 125 -10.06 -6.89 4.99
C ILE A 125 -8.71 -7.55 5.29
N GLY A 126 -8.75 -8.70 5.93
CA GLY A 126 -7.55 -9.50 6.20
C GLY A 126 -7.65 -10.82 5.47
N ARG A 127 -6.76 -11.75 5.80
CA ARG A 127 -6.78 -13.07 5.18
C ARG A 127 -8.03 -13.83 5.64
N GLU A 128 -8.49 -14.76 4.82
CA GLU A 128 -9.75 -15.48 5.05
C GLU A 128 -9.67 -16.62 6.07
N ASP A 129 -8.46 -17.09 6.38
CA ASP A 129 -8.29 -18.31 7.18
C ASP A 129 -7.58 -18.10 8.53
N GLU A 130 -7.78 -16.94 9.16
CA GLU A 130 -7.26 -16.73 10.51
C GLU A 130 -8.33 -17.18 11.50
N PRO A 131 -8.02 -18.20 12.33
CA PRO A 131 -9.03 -18.73 13.25
C PRO A 131 -9.54 -17.69 14.25
N GLY A 132 -10.86 -17.62 14.40
CA GLY A 132 -11.49 -16.71 15.34
C GLY A 132 -11.49 -15.24 14.93
N HIS A 133 -11.16 -14.95 13.68
CA HIS A 133 -11.18 -13.58 13.16
C HIS A 133 -11.58 -13.56 11.69
N PRO A 134 -12.85 -13.88 11.39
CA PRO A 134 -13.31 -13.84 10.00
C PRO A 134 -13.53 -12.41 9.53
N ASN A 135 -13.52 -12.21 8.22
CA ASN A 135 -13.85 -10.92 7.64
C ASN A 135 -15.37 -10.73 7.72
N PRO A 136 -15.82 -9.51 8.08
CA PRO A 136 -17.25 -9.22 8.03
C PRO A 136 -17.67 -8.72 6.64
N TRP A 137 -18.23 -9.62 5.83
CA TRP A 137 -18.58 -9.31 4.45
C TRP A 137 -19.98 -8.73 4.36
N PRO A 138 -20.17 -7.65 3.57
CA PRO A 138 -21.51 -7.07 3.45
C PRO A 138 -22.45 -7.93 2.61
N ALA A 139 -23.74 -7.81 2.87
CA ALA A 139 -24.75 -8.50 2.08
C ALA A 139 -24.67 -7.99 0.65
N GLU A 140 -24.70 -8.91 -0.31
CA GLU A 140 -24.54 -8.53 -1.71
C GLU A 140 -25.87 -8.56 -2.45
N GLN A 141 -26.34 -7.37 -2.82
CA GLN A 141 -27.56 -7.21 -3.61
C GLN A 141 -27.25 -6.24 -4.75
N ASP A 142 -27.93 -6.40 -5.88
CA ASP A 142 -27.81 -5.47 -7.00
C ASP A 142 -26.35 -5.33 -7.48
N ASP A 143 -25.81 -4.11 -7.48
CA ASP A 143 -24.50 -3.86 -8.05
C ASP A 143 -23.34 -4.07 -7.07
N LEU A 144 -23.64 -4.49 -5.84
CA LEU A 144 -22.61 -4.93 -4.91
C LEU A 144 -22.29 -6.42 -5.07
N VAL A 145 -23.05 -7.13 -5.90
CA VAL A 145 -22.77 -8.54 -6.20
C VAL A 145 -21.35 -8.63 -6.76
N GLY A 146 -20.54 -9.54 -6.22
CA GLY A 146 -19.13 -9.64 -6.57
C GLY A 146 -18.13 -8.85 -5.72
N PHE A 147 -18.61 -8.21 -4.65
CA PHE A 147 -17.72 -7.43 -3.77
C PHE A 147 -16.66 -8.33 -3.11
N LYS A 148 -17.11 -9.41 -2.49
CA LYS A 148 -16.24 -10.34 -1.80
C LYS A 148 -15.21 -10.99 -2.74
N SER A 149 -15.68 -11.57 -3.84
CA SER A 149 -14.77 -12.26 -4.75
C SER A 149 -13.73 -11.28 -5.31
N THR A 150 -14.17 -10.07 -5.65
CA THR A 150 -13.27 -9.02 -6.12
C THR A 150 -12.19 -8.65 -5.08
N ASN A 152 -11.18 -10.32 -2.33
CA ASN A 152 -10.31 -11.46 -2.07
C ASN A 152 -9.27 -11.68 -3.17
N ASN A 153 -9.68 -11.48 -4.43
CA ASN A 153 -8.78 -11.47 -5.57
C ASN A 153 -7.69 -10.43 -5.40
N PHE A 154 -8.10 -9.19 -5.15
CA PHE A 154 -7.16 -8.09 -5.02
C PHE A 154 -6.22 -8.29 -3.82
N PHE A 155 -6.73 -8.87 -2.74
CA PHE A 155 -5.93 -9.17 -1.55
C PHE A 155 -4.82 -10.15 -1.91
N ASP A 156 -5.20 -11.25 -2.57
CA ASP A 156 -4.25 -12.26 -3.03
C ASP A 156 -3.18 -11.70 -3.97
N GLN A 157 -3.57 -10.79 -4.87
CA GLN A 157 -2.61 -10.20 -5.82
C GLN A 157 -1.65 -9.23 -5.13
N CYS A 158 -2.18 -8.47 -4.16
CA CYS A 158 -1.36 -7.61 -3.32
C CYS A 158 -0.37 -8.44 -2.48
N LYS A 159 -0.85 -9.55 -1.96
CA LYS A 159 -0.01 -10.48 -1.23
C LYS A 159 1.13 -11.02 -2.11
N ALA A 160 0.82 -11.46 -3.32
CA ALA A 160 1.86 -11.90 -4.25
C ALA A 160 2.87 -10.79 -4.53
N LEU A 161 2.39 -9.56 -4.70
CA LEU A 161 3.29 -8.42 -4.92
C LEU A 161 4.19 -8.15 -3.70
N HIS A 162 3.62 -8.27 -2.50
CA HIS A 162 4.40 -8.16 -1.26
C HIS A 162 5.53 -9.20 -1.23
N ILE A 163 5.21 -10.45 -1.50
CA ILE A 163 6.21 -11.51 -1.56
C ILE A 163 7.35 -11.16 -2.54
N GLU A 164 6.99 -10.65 -3.72
CA GLU A 164 7.97 -10.32 -4.75
C GLU A 164 8.85 -9.12 -4.39
N VAL A 165 8.27 -8.10 -3.77
CA VAL A 165 9.05 -6.96 -3.31
C VAL A 165 10.07 -7.37 -2.25
N ARG A 167 11.37 -10.29 -2.01
CA ARG A 167 12.38 -11.02 -2.79
C ARG A 167 13.34 -10.08 -3.49
N ALA A 168 12.85 -8.96 -4.00
CA ALA A 168 13.73 -7.99 -4.63
C ALA A 168 14.70 -7.41 -3.60
N ILE A 169 14.23 -7.20 -2.39
CA ILE A 169 15.09 -6.69 -1.32
C ILE A 169 16.19 -7.72 -1.02
N ALA A 170 15.82 -8.99 -0.92
CA ALA A 170 16.79 -10.06 -0.68
C ALA A 170 17.82 -10.22 -1.80
N VAL A 171 17.34 -10.21 -3.03
CA VAL A 171 18.23 -10.32 -4.19
C VAL A 171 19.17 -9.11 -4.23
N GLY A 172 18.63 -7.93 -3.95
CA GLY A 172 19.42 -6.71 -3.88
C GLY A 172 20.48 -6.72 -2.82
N GLY A 174 21.90 -9.43 -1.85
CA GLY A 174 22.79 -10.54 -2.16
C GLY A 174 22.62 -11.75 -1.24
N ILE A 175 21.45 -11.87 -0.62
CA ILE A 175 21.08 -13.09 0.12
C ILE A 175 20.08 -13.92 -0.72
N ASP A 176 19.70 -15.09 -0.21
CA ASP A 176 18.81 -15.97 -0.95
C ASP A 176 17.47 -15.29 -1.23
N ALA A 177 16.99 -15.39 -2.47
CA ALA A 177 15.79 -14.68 -2.93
C ALA A 177 14.57 -15.00 -2.07
N ASN A 178 14.51 -16.23 -1.58
CA ASN A 178 13.34 -16.72 -0.84
C ASN A 178 13.40 -16.56 0.68
N TYR A 179 14.39 -15.80 1.16
CA TYR A 179 14.67 -15.66 2.58
C TYR A 179 13.45 -15.25 3.41
N PHE A 180 12.69 -14.28 2.91
CA PHE A 180 11.53 -13.74 3.61
C PHE A 180 10.23 -14.50 3.37
N ASP A 181 10.22 -15.47 2.46
CA ASP A 181 8.97 -16.12 2.04
C ASP A 181 8.16 -16.66 3.21
N SER A 182 8.81 -17.37 4.13
CA SER A 182 8.10 -17.95 5.29
C SER A 182 7.26 -16.92 6.07
N PHE A 183 7.81 -15.73 6.27
CA PHE A 183 7.17 -14.71 7.11
C PHE A 183 6.04 -13.98 6.41
N VAL A 184 6.17 -13.81 5.10
CA VAL A 184 5.15 -13.13 4.34
C VAL A 184 4.10 -14.12 3.81
N ASP A 185 4.43 -15.40 3.77
CA ASP A 185 3.49 -16.41 3.28
C ASP A 185 2.31 -16.65 4.21
N VAL A 186 2.46 -16.32 5.49
CA VAL A 186 1.33 -16.41 6.42
C VAL A 186 0.17 -15.52 5.93
N GLY A 187 0.52 -14.45 5.20
CA GLY A 187 -0.48 -13.57 4.58
C GLY A 187 -1.13 -12.64 5.58
N ASP A 188 -0.35 -12.26 6.60
CA ASP A 188 -0.85 -11.56 7.77
C ASP A 188 -1.00 -10.06 7.50
N ASN A 189 -1.77 -9.75 6.47
CA ASN A 189 -1.83 -8.41 5.93
C ASN A 189 -3.24 -7.86 6.00
N ILE A 190 -3.33 -6.54 5.92
CA ILE A 190 -4.61 -5.84 5.89
C ILE A 190 -4.72 -5.06 4.60
N LEU A 191 -5.82 -5.27 3.90
CA LEU A 191 -6.22 -4.44 2.77
C LEU A 191 -7.19 -3.38 3.29
N ARG A 192 -6.84 -2.12 3.12
CA ARG A 192 -7.65 -1.01 3.61
C ARG A 192 -8.19 -0.14 2.48
N LEU A 193 -9.52 -0.05 2.39
CA LEU A 193 -10.18 0.87 1.47
C LEU A 193 -10.47 2.17 2.22
N LEU A 194 -10.08 3.31 1.64
CA LEU A 194 -10.36 4.61 2.23
C LEU A 194 -11.22 5.46 1.31
N HIS A 195 -12.12 6.23 1.91
CA HIS A 195 -12.98 7.16 1.19
C HIS A 195 -13.10 8.46 2.00
N TYR A 196 -12.74 9.58 1.36
CA TYR A 196 -12.91 10.90 1.95
C TYR A 196 -14.08 11.56 1.24
N PRO A 197 -15.25 11.65 1.89
CA PRO A 197 -16.37 12.29 1.21
C PRO A 197 -16.09 13.78 1.05
N ALA A 198 -16.60 14.36 -0.04
CA ALA A 198 -16.55 15.80 -0.23
C ALA A 198 -17.57 16.44 0.71
N VAL A 199 -17.16 17.21 1.73
CA VAL A 199 -15.76 17.43 2.14
C VAL A 199 -15.62 17.14 3.63
N GLN A 210 -5.02 20.33 4.90
CA GLN A 210 -3.80 20.35 5.68
C GLN A 210 -3.98 19.72 7.05
N VAL A 211 -3.06 18.82 7.42
CA VAL A 211 -3.07 18.15 8.72
C VAL A 211 -1.66 18.11 9.30
N ARG A 212 -1.58 18.29 10.62
CA ARG A 212 -0.33 18.08 11.36
C ARG A 212 -0.62 17.08 12.48
N ALA A 213 0.44 16.43 12.97
CA ALA A 213 0.31 15.31 13.92
C ALA A 213 -0.32 14.05 13.28
N GLY A 214 -0.39 14.03 11.96
CA GLY A 214 -0.61 12.80 11.19
C GLY A 214 0.73 12.24 10.76
N GLU A 215 1.81 12.86 11.24
CA GLU A 215 3.16 12.44 10.94
C GLU A 215 3.48 11.14 11.66
N HIS A 216 3.95 10.15 10.90
CA HIS A 216 4.25 8.84 11.47
C HIS A 216 5.14 8.00 10.55
N THR A 217 5.69 6.93 11.13
CA THR A 217 6.29 5.86 10.36
C THR A 217 5.37 4.67 10.50
N ASP A 218 5.31 3.83 9.46
CA ASP A 218 4.52 2.61 9.52
C ASP A 218 5.22 1.54 10.36
N TYR A 219 4.41 0.63 10.87
CA TYR A 219 4.86 -0.39 11.81
C TYR A 219 5.44 -1.63 11.13
N GLY A 220 4.86 -2.03 10.00
CA GLY A 220 5.13 -3.34 9.40
C GLY A 220 6.37 -3.43 8.52
N SER A 221 6.35 -4.38 7.59
CA SER A 221 7.45 -4.61 6.68
C SER A 221 7.40 -3.60 5.53
N ILE A 222 6.39 -3.73 4.68
CA ILE A 222 6.16 -2.72 3.65
C ILE A 222 4.68 -2.39 3.56
N THR A 223 4.41 -1.22 2.97
CA THR A 223 3.06 -0.78 2.73
C THR A 223 2.94 -0.47 1.25
N LEU A 224 1.88 -0.99 0.63
CA LEU A 224 1.55 -0.65 -0.76
C LEU A 224 0.45 0.40 -0.76
N LEU A 225 0.64 1.48 -1.51
CA LEU A 225 -0.38 2.54 -1.59
C LEU A 225 -0.79 2.80 -3.03
N PHE A 226 -2.09 2.63 -3.30
CA PHE A 226 -2.69 2.98 -4.57
C PHE A 226 -3.47 4.27 -4.34
N GLN A 227 -2.93 5.39 -4.82
CA GLN A 227 -3.56 6.69 -4.60
C GLN A 227 -4.31 7.15 -5.84
N ASP A 228 -5.42 7.87 -5.65
CA ASP A 228 -6.14 8.45 -6.78
C ASP A 228 -5.38 9.66 -7.32
N SER A 229 -5.92 10.28 -8.37
CA SER A 229 -5.23 11.38 -9.06
C SER A 229 -4.96 12.61 -8.18
N ARG A 230 -5.73 12.79 -7.11
CA ARG A 230 -5.65 14.00 -6.30
C ARG A 230 -4.53 13.99 -5.24
N GLY A 231 -4.03 12.80 -4.91
CA GLY A 231 -2.89 12.68 -4.00
C GLY A 231 -3.19 13.09 -2.56
N GLY A 232 -2.17 13.60 -1.88
CA GLY A 232 -2.28 13.96 -0.46
C GLY A 232 -1.13 13.49 0.42
N LEU A 233 -0.36 12.52 -0.06
CA LEU A 233 0.75 11.96 0.72
C LEU A 233 1.97 12.87 0.69
N GLN A 234 2.61 13.03 1.85
CA GLN A 234 3.86 13.79 1.95
C GLN A 234 4.92 13.02 2.72
N VAL A 235 6.15 13.09 2.23
CA VAL A 235 7.29 12.38 2.83
C VAL A 235 8.34 13.39 3.25
N LYS A 236 8.87 13.22 4.47
CA LYS A 236 9.88 14.13 5.00
C LYS A 236 11.22 13.96 4.26
N SER A 237 11.84 15.10 3.94
CA SER A 237 13.16 15.11 3.30
C SER A 237 14.23 14.88 4.37
N PRO A 238 15.48 14.59 3.94
CA PRO A 238 16.57 14.52 4.92
C PRO A 238 16.84 15.86 5.61
N ASN A 239 16.54 16.97 4.92
CA ASN A 239 16.64 18.30 5.53
C ASN A 239 15.55 18.54 6.56
N GLY A 240 14.34 18.03 6.29
CA GLY A 240 13.27 18.00 7.29
C GLY A 240 11.91 18.56 6.91
N GLN A 241 11.70 18.93 5.65
CA GLN A 241 10.38 19.40 5.21
C GLN A 241 9.62 18.34 4.43
N PHE A 242 8.30 18.49 4.39
CA PHE A 242 7.42 17.49 3.80
C PHE A 242 7.17 17.77 2.32
N ILE A 243 7.65 16.87 1.47
CA ILE A 243 7.49 16.99 0.02
C ILE A 243 6.32 16.13 -0.43
N ASP A 244 5.56 16.63 -1.40
CA ASP A 244 4.40 15.93 -1.93
C ASP A 244 4.82 14.70 -2.72
N ALA A 245 4.18 13.57 -2.44
CA ALA A 245 4.37 12.36 -3.22
C ALA A 245 3.41 12.39 -4.40
N THR A 246 3.77 13.17 -5.42
CA THR A 246 2.91 13.41 -6.57
C THR A 246 2.40 12.10 -7.19
N PRO A 247 1.06 11.95 -7.30
CA PRO A 247 0.50 10.78 -7.97
C PRO A 247 0.99 10.60 -9.39
N ILE A 248 1.30 9.36 -9.77
CA ILE A 248 1.61 9.01 -11.15
C ILE A 248 0.70 7.84 -11.53
N GLU A 249 0.17 7.89 -12.75
CA GLU A 249 -0.85 6.95 -13.18
C GLU A 249 -0.26 5.55 -13.37
N ASN A 250 -1.03 4.53 -12.95
CA ASN A 250 -0.62 3.12 -13.02
C ASN A 250 0.68 2.85 -12.26
N THR A 251 0.79 3.47 -11.10
CA THR A 251 1.96 3.35 -10.25
C THR A 251 1.49 2.98 -8.85
N VAL A 252 2.32 2.25 -8.12
CA VAL A 252 2.04 1.94 -6.71
C VAL A 252 3.19 2.48 -5.87
N VAL A 253 2.86 3.11 -4.75
CA VAL A 253 3.87 3.68 -3.87
C VAL A 253 4.17 2.64 -2.79
N VAL A 254 5.46 2.38 -2.59
CA VAL A 254 5.89 1.36 -1.63
C VAL A 254 6.87 1.97 -0.64
N ASN A 255 6.61 1.78 0.65
CA ASN A 255 7.54 2.23 1.67
C ASN A 255 7.81 1.16 2.72
N ALA A 256 9.00 1.22 3.28
CA ALA A 256 9.40 0.32 4.35
C ALA A 256 8.85 0.81 5.67
N GLY A 257 8.45 -0.12 6.53
CA GLY A 257 8.03 0.19 7.90
C GLY A 257 9.09 -0.21 8.91
N ASP A 258 8.78 0.04 10.18
CA ASP A 258 9.72 -0.13 11.27
C ASP A 258 10.24 -1.57 11.40
N LEU A 259 9.39 -2.54 11.11
CA LEU A 259 9.77 -3.95 11.19
C LEU A 259 10.88 -4.31 10.17
N LEU A 260 10.83 -3.70 8.99
CA LEU A 260 11.85 -3.93 7.97
C LEU A 260 13.14 -3.26 8.39
N ALA A 261 13.04 -2.02 8.87
CA ALA A 261 14.20 -1.31 9.42
C ALA A 261 14.86 -2.16 10.52
N ARG A 262 14.05 -2.72 11.40
CA ARG A 262 14.53 -3.61 12.48
C ARG A 262 15.23 -4.85 11.92
N TRP A 263 14.56 -5.57 11.02
CA TRP A 263 15.16 -6.75 10.38
C TRP A 263 16.51 -6.41 9.75
N SER A 264 16.65 -5.18 9.24
CA SER A 264 17.85 -4.77 8.53
C SER A 264 18.91 -4.11 9.43
N ASN A 265 18.68 -4.09 10.74
CA ASN A 265 19.51 -3.31 11.69
C ASN A 265 19.68 -1.86 11.25
N ASP A 266 18.56 -1.25 10.88
CA ASP A 266 18.50 0.16 10.47
C ASP A 266 19.38 0.53 9.27
N THR A 267 19.59 -0.43 8.37
CA THR A 267 20.16 -0.12 7.06
C THR A 267 19.07 0.34 6.09
N ILE A 268 17.84 -0.12 6.32
CA ILE A 268 16.69 0.35 5.55
C ILE A 268 15.89 1.35 6.40
N LYS A 269 15.51 2.46 5.79
CA LYS A 269 14.79 3.51 6.51
C LYS A 269 13.29 3.30 6.52
N SER A 270 12.70 3.47 7.70
CA SER A 270 11.27 3.65 7.87
C SER A 270 11.08 5.17 7.99
N THR A 271 10.69 5.79 6.89
CA THR A 271 10.69 7.24 6.76
C THR A 271 9.36 7.87 7.21
N VAL A 272 9.48 8.98 7.95
CA VAL A 272 8.33 9.73 8.44
C VAL A 272 7.54 10.31 7.27
N HIS A 273 6.23 10.21 7.33
CA HIS A 273 5.36 10.73 6.28
C HIS A 273 3.98 11.06 6.85
N ARG A 274 3.11 11.65 6.03
CA ARG A 274 1.78 12.02 6.47
C ARG A 274 0.85 12.24 5.29
N VAL A 275 -0.45 12.10 5.52
CA VAL A 275 -1.46 12.40 4.49
C VAL A 275 -2.12 13.75 4.77
N VAL A 276 -2.41 14.47 3.71
CA VAL A 276 -2.83 15.87 3.78
C VAL A 276 -3.91 16.11 2.73
N GLU A 277 -4.81 17.06 3.01
CA GLU A 277 -5.81 17.48 2.02
C GLU A 277 -5.10 18.26 0.91
N PRO A 278 -5.31 17.87 -0.36
CA PRO A 278 -4.59 18.50 -1.47
C PRO A 278 -5.05 19.94 -1.74
N PRO A 279 -4.26 20.71 -2.51
CA PRO A 279 -4.54 22.12 -2.81
C PRO A 279 -6.00 22.42 -3.21
N HIS A 285 -11.27 19.22 -2.98
CA HIS A 285 -12.70 19.50 -2.95
C HIS A 285 -13.56 18.25 -3.24
N PRO A 286 -13.33 17.58 -4.39
CA PRO A 286 -14.17 16.42 -4.72
C PRO A 286 -13.86 15.20 -3.83
N PRO A 287 -14.65 14.11 -3.97
CA PRO A 287 -14.40 12.95 -3.12
C PRO A 287 -13.09 12.24 -3.48
N ARG A 288 -12.42 11.70 -2.47
CA ARG A 288 -11.14 11.04 -2.66
C ARG A 288 -11.24 9.57 -2.26
N TYR A 289 -10.53 8.73 -3.01
CA TYR A 289 -10.40 7.31 -2.70
C TYR A 289 -8.94 6.91 -2.73
N SER A 290 -8.57 6.00 -1.84
CA SER A 290 -7.26 5.36 -1.89
C SER A 290 -7.35 3.94 -1.37
N ILE A 291 -6.40 3.10 -1.76
CA ILE A 291 -6.34 1.74 -1.27
C ILE A 291 -4.92 1.46 -0.82
N ALA A 292 -4.80 0.88 0.37
CA ALA A 292 -3.50 0.58 0.94
C ALA A 292 -3.47 -0.86 1.42
N TYR A 293 -2.29 -1.44 1.36
CA TYR A 293 -2.08 -2.81 1.78
C TYR A 293 -0.93 -2.77 2.77
N PHE A 294 -1.23 -3.09 4.02
CA PHE A 294 -0.28 -3.02 5.11
C PHE A 294 0.20 -4.42 5.38
N CYS A 295 1.47 -4.66 5.11
CA CYS A 295 2.03 -5.98 5.29
C CYS A 295 2.66 -6.10 6.68
N ASN A 296 2.19 -7.11 7.43
CA ASN A 296 2.66 -7.38 8.80
C ASN A 296 2.50 -6.20 9.74
N PRO A 297 1.30 -5.57 9.77
CA PRO A 297 1.09 -4.39 10.60
C PRO A 297 1.00 -4.73 12.09
#